data_2ZPN
#
_entry.id   2ZPN
#
_cell.length_a   44.150
_cell.length_b   104.450
_cell.length_c   113.020
_cell.angle_alpha   90.00
_cell.angle_beta   90.00
_cell.angle_gamma   90.00
#
_symmetry.space_group_name_H-M   'P 21 21 21'
#
loop_
_entity.id
_entity.type
_entity.pdbx_description
1 polymer 'Autophagy-related protein 8'
2 polymer 'Saccharomyces cerevisiae Atg19(412-415)'
3 non-polymer 'SULFATE ION'
4 water water
#
loop_
_entity_poly.entity_id
_entity_poly.type
_entity_poly.pdbx_seq_one_letter_code
_entity_poly.pdbx_strand_id
1 'polypeptide(L)'
;GAHMKSTFKSEYPFEKRKAESERIADRFKNRIPVICEKAEKSDIPEIDKRKYLVPADLTVGQFVYVIRKRIMLPPEKAIF
IFVNDTLPPTAALMSAIYQEHKDKDGFLYVTYSGENTFG
;
A,B,C,D
2 'polypeptide(L)' WEEL E,F,G,H
#
# COMPACT_ATOMS: atom_id res chain seq x y z
N MET A 4 -18.94 12.30 25.65
CA MET A 4 -17.85 11.27 25.75
C MET A 4 -17.04 11.18 24.44
N LYS A 5 -15.70 11.24 24.59
CA LYS A 5 -14.80 11.19 23.44
C LYS A 5 -14.53 9.79 22.91
N SER A 6 -14.24 9.70 21.62
CA SER A 6 -13.95 8.41 20.98
C SER A 6 -12.58 8.49 20.31
N THR A 7 -11.62 9.05 21.05
CA THR A 7 -10.25 9.22 20.57
C THR A 7 -9.35 8.06 20.94
N PHE A 8 -8.04 8.28 20.85
CA PHE A 8 -7.07 7.26 21.19
C PHE A 8 -6.79 7.34 22.69
N LYS A 9 -6.65 8.55 23.21
CA LYS A 9 -6.41 8.75 24.63
C LYS A 9 -7.58 8.24 25.45
N SER A 10 -8.78 8.55 24.98
CA SER A 10 -9.98 8.10 25.63
C SER A 10 -10.17 6.59 25.58
N GLU A 11 -9.53 5.93 24.61
CA GLU A 11 -9.66 4.47 24.48
C GLU A 11 -8.67 3.70 25.34
N TYR A 12 -7.50 4.28 25.57
CA TYR A 12 -6.49 3.61 26.38
C TYR A 12 -6.01 4.57 27.47
N PRO A 13 -5.72 4.04 28.66
CA PRO A 13 -5.26 4.89 29.76
C PRO A 13 -3.81 5.29 29.59
N PHE A 14 -3.48 6.44 30.16
CA PHE A 14 -2.12 6.98 30.09
C PHE A 14 -1.04 5.95 30.27
N GLU A 15 -1.15 5.17 31.31
CA GLU A 15 -0.15 4.17 31.62
C GLU A 15 0.04 3.13 30.53
N LYS A 16 -1.05 2.74 29.86
CA LYS A 16 -0.97 1.76 28.78
C LYS A 16 -0.41 2.43 27.54
N ARG A 17 -0.72 3.70 27.35
CA ARG A 17 -0.20 4.42 26.19
C ARG A 17 1.31 4.53 26.28
N LYS A 18 1.81 5.07 27.39
CA LYS A 18 3.24 5.22 27.56
C LYS A 18 3.92 3.87 27.37
N ALA A 19 3.30 2.82 27.89
CA ALA A 19 3.85 1.47 27.73
C ALA A 19 4.21 1.24 26.26
N GLU A 20 3.31 1.61 25.37
CA GLU A 20 3.51 1.47 23.92
C GLU A 20 4.68 2.30 23.43
N SER A 21 4.70 3.58 23.81
CA SER A 21 5.77 4.49 23.40
C SER A 21 7.13 3.88 23.64
N GLU A 22 7.31 3.38 24.85
CA GLU A 22 8.58 2.80 25.27
C GLU A 22 8.97 1.52 24.56
N ARG A 23 8.05 0.57 24.47
CA ARG A 23 8.37 -0.67 23.78
C ARG A 23 8.81 -0.32 22.36
N ILE A 24 8.14 0.64 21.75
CA ILE A 24 8.50 1.06 20.39
C ILE A 24 9.87 1.71 20.35
N ALA A 25 10.10 2.69 21.21
CA ALA A 25 11.39 3.38 21.28
C ALA A 25 12.47 2.36 21.59
N ASP A 26 12.03 1.18 22.03
CA ASP A 26 12.91 0.09 22.39
C ASP A 26 13.16 -0.81 21.19
N ARG A 27 12.08 -1.35 20.63
CA ARG A 27 12.14 -2.26 19.48
C ARG A 27 12.28 -1.59 18.11
N PHE A 28 12.39 -0.25 18.10
CA PHE A 28 12.54 0.49 16.85
C PHE A 28 13.35 1.76 17.15
N LYS A 29 14.63 1.72 16.81
CA LYS A 29 15.54 2.83 17.06
C LYS A 29 15.22 4.11 16.30
N ASN A 30 15.01 4.00 14.99
CA ASN A 30 14.73 5.19 14.20
C ASN A 30 13.27 5.41 13.82
N ARG A 31 12.36 5.17 14.74
CA ARG A 31 10.95 5.39 14.40
C ARG A 31 10.24 6.26 15.44
N ILE A 32 9.37 7.12 14.94
CA ILE A 32 8.58 8.01 15.77
C ILE A 32 7.16 7.48 15.75
N PRO A 33 6.56 7.26 16.92
CA PRO A 33 5.19 6.75 17.04
C PRO A 33 4.21 7.92 16.91
N VAL A 34 3.37 7.85 15.88
CA VAL A 34 2.39 8.90 15.67
C VAL A 34 0.95 8.43 15.77
N ILE A 35 0.13 9.25 16.42
CA ILE A 35 -1.30 8.99 16.53
C ILE A 35 -1.86 10.06 15.61
N CYS A 36 -2.55 9.63 14.56
CA CYS A 36 -3.11 10.56 13.60
C CYS A 36 -4.62 10.38 13.59
N GLU A 37 -5.35 11.39 14.04
CA GLU A 37 -6.79 11.31 14.09
C GLU A 37 -7.46 12.41 13.29
N LYS A 38 -8.70 12.15 12.89
CA LYS A 38 -9.45 13.11 12.09
C LYS A 38 -9.88 14.27 12.93
N ALA A 39 -9.85 15.46 12.33
CA ALA A 39 -10.26 16.67 13.02
C ALA A 39 -11.71 16.49 13.45
N GLU A 40 -11.90 16.62 14.77
CA GLU A 40 -13.18 16.47 15.45
C GLU A 40 -14.42 16.87 14.63
N LYS A 41 -14.45 18.11 14.14
CA LYS A 41 -15.61 18.57 13.38
C LYS A 41 -15.41 18.60 11.85
N SER A 42 -14.39 17.90 11.35
CA SER A 42 -14.09 17.86 9.92
C SER A 42 -15.02 16.90 9.20
N ASP A 43 -15.23 17.14 7.92
CA ASP A 43 -16.13 16.31 7.12
C ASP A 43 -15.50 15.10 6.43
N ILE A 44 -14.30 15.26 5.88
CA ILE A 44 -13.63 14.18 5.18
C ILE A 44 -13.68 12.82 5.91
N PRO A 45 -13.45 11.72 5.17
CA PRO A 45 -13.48 10.35 5.72
C PRO A 45 -12.65 10.09 6.97
N GLU A 46 -13.15 9.23 7.85
CA GLU A 46 -12.44 8.87 9.08
C GLU A 46 -11.95 7.43 8.96
N ILE A 47 -10.65 7.24 9.18
CA ILE A 47 -10.03 5.92 9.15
C ILE A 47 -9.95 5.40 10.58
N ASP A 48 -10.07 4.10 10.77
CA ASP A 48 -9.97 3.57 12.12
C ASP A 48 -8.53 3.16 12.42
N LYS A 49 -7.67 3.31 11.42
CA LYS A 49 -6.25 3.02 11.55
C LYS A 49 -5.60 4.35 11.88
N ARG A 50 -5.11 4.49 13.12
CA ARG A 50 -4.52 5.75 13.55
C ARG A 50 -3.11 5.70 14.13
N LYS A 51 -2.57 4.50 14.30
CA LYS A 51 -1.22 4.34 14.83
C LYS A 51 -0.18 4.20 13.71
N TYR A 52 0.71 5.18 13.62
CA TYR A 52 1.75 5.15 12.58
C TYR A 52 3.17 5.17 13.14
N LEU A 53 4.04 4.38 12.50
CA LEU A 53 5.46 4.29 12.84
C LEU A 53 6.11 5.09 11.73
N VAL A 54 6.57 6.29 12.04
CA VAL A 54 7.19 7.13 11.02
C VAL A 54 8.69 7.33 11.22
N PRO A 55 9.45 7.33 10.10
CA PRO A 55 10.90 7.53 10.05
C PRO A 55 11.23 8.97 10.44
N ALA A 56 12.33 9.18 11.15
CA ALA A 56 12.73 10.52 11.59
C ALA A 56 12.82 11.51 10.43
N ASP A 57 13.19 11.03 9.25
CA ASP A 57 13.31 11.91 8.10
C ASP A 57 12.06 12.09 7.26
N LEU A 58 10.95 11.49 7.69
CA LEU A 58 9.72 11.65 6.95
C LEU A 58 9.36 13.13 7.06
N THR A 59 8.71 13.68 6.03
CA THR A 59 8.31 15.07 6.07
C THR A 59 6.78 15.19 6.19
N VAL A 60 6.33 16.33 6.65
CA VAL A 60 4.91 16.54 6.78
C VAL A 60 4.29 16.31 5.42
N GLY A 61 4.74 17.08 4.42
CA GLY A 61 4.24 16.93 3.07
C GLY A 61 4.09 15.47 2.69
N GLN A 62 5.05 14.62 3.05
CA GLN A 62 4.93 13.21 2.70
C GLN A 62 3.88 12.49 3.55
N PHE A 63 3.80 12.85 4.83
CA PHE A 63 2.83 12.21 5.72
C PHE A 63 1.42 12.49 5.27
N VAL A 64 1.19 13.72 4.81
CA VAL A 64 -0.10 14.20 4.32
C VAL A 64 -0.51 13.39 3.08
N TYR A 65 0.45 13.19 2.18
CA TYR A 65 0.23 12.42 0.96
C TYR A 65 -0.25 11.00 1.31
N VAL A 66 0.30 10.46 2.38
CA VAL A 66 -0.06 9.14 2.82
C VAL A 66 -1.51 9.12 3.28
N ILE A 67 -1.86 9.96 4.25
CA ILE A 67 -3.24 10.00 4.75
C ILE A 67 -4.21 10.22 3.59
N ARG A 68 -3.74 10.91 2.56
CA ARG A 68 -4.54 11.20 1.38
C ARG A 68 -4.97 9.94 0.67
N LYS A 69 -4.00 9.21 0.16
CA LYS A 69 -4.26 7.96 -0.55
C LYS A 69 -5.07 7.04 0.33
N ARG A 70 -4.69 6.99 1.59
CA ARG A 70 -5.34 6.15 2.57
C ARG A 70 -6.86 6.36 2.60
N ILE A 71 -7.31 7.62 2.54
CA ILE A 71 -8.74 7.92 2.54
C ILE A 71 -9.28 8.35 1.17
N MET A 72 -8.58 7.93 0.11
CA MET A 72 -8.92 8.24 -1.28
C MET A 72 -9.45 9.65 -1.45
N LEU A 73 -8.64 10.62 -1.08
CA LEU A 73 -8.98 12.04 -1.19
C LEU A 73 -8.81 12.48 -2.64
N PRO A 74 -9.87 13.06 -3.23
CA PRO A 74 -9.75 13.52 -4.62
C PRO A 74 -8.59 14.53 -4.64
N PRO A 75 -7.57 14.29 -5.47
CA PRO A 75 -6.47 15.27 -5.48
C PRO A 75 -6.95 16.71 -5.48
N GLU A 76 -8.10 16.96 -6.07
CA GLU A 76 -8.64 18.31 -6.12
C GLU A 76 -8.88 18.82 -4.69
N LYS A 77 -9.57 18.03 -3.86
CA LYS A 77 -9.86 18.42 -2.47
C LYS A 77 -8.62 18.63 -1.58
N ALA A 78 -8.77 19.42 -0.53
CA ALA A 78 -7.66 19.71 0.36
C ALA A 78 -7.67 18.98 1.70
N ILE A 79 -6.51 18.89 2.31
CA ILE A 79 -6.32 18.23 3.59
C ILE A 79 -5.19 18.92 4.35
N PHE A 80 -5.34 19.04 5.66
CA PHE A 80 -4.32 19.71 6.44
C PHE A 80 -3.97 18.97 7.72
N ILE A 81 -2.71 19.04 8.06
CA ILE A 81 -2.23 18.40 9.27
C ILE A 81 -1.97 19.44 10.35
N PHE A 82 -2.37 19.11 11.58
CA PHE A 82 -2.17 20.02 12.71
C PHE A 82 -1.48 19.34 13.86
N VAL A 83 -0.70 20.16 14.57
CA VAL A 83 0.02 19.71 15.74
C VAL A 83 -0.26 20.82 16.74
N ASN A 84 -1.14 20.50 17.70
CA ASN A 84 -1.57 21.41 18.75
C ASN A 84 -1.97 22.78 18.19
N ASP A 85 -2.94 22.79 17.28
CA ASP A 85 -3.39 24.05 16.67
C ASP A 85 -2.37 24.72 15.77
N THR A 86 -1.27 24.02 15.52
CA THR A 86 -0.24 24.56 14.67
C THR A 86 -0.27 23.83 13.36
N LEU A 87 -0.27 24.59 12.27
CA LEU A 87 -0.26 24.05 10.92
C LEU A 87 1.19 24.11 10.44
N PRO A 88 1.94 23.02 10.62
CA PRO A 88 3.33 22.98 10.19
C PRO A 88 3.49 23.02 8.68
N PRO A 89 4.63 23.52 8.18
CA PRO A 89 4.91 23.61 6.75
C PRO A 89 5.28 22.22 6.24
N THR A 90 4.86 21.89 5.03
CA THR A 90 5.13 20.58 4.45
C THR A 90 6.59 20.10 4.41
N ALA A 91 7.54 21.00 4.59
CA ALA A 91 8.95 20.61 4.55
C ALA A 91 9.43 20.12 5.90
N ALA A 92 8.63 20.37 6.93
CA ALA A 92 9.01 19.99 8.29
C ALA A 92 9.18 18.49 8.46
N LEU A 93 10.26 18.12 9.14
CA LEU A 93 10.56 16.72 9.39
C LEU A 93 9.85 16.29 10.67
N MET A 94 9.34 15.06 10.68
CA MET A 94 8.62 14.55 11.83
C MET A 94 9.48 14.43 13.08
N SER A 95 10.75 14.19 12.90
CA SER A 95 11.63 14.09 14.06
C SER A 95 11.64 15.45 14.77
N ALA A 96 11.76 16.51 13.98
CA ALA A 96 11.79 17.83 14.58
C ALA A 96 10.52 18.12 15.35
N ILE A 97 9.39 17.81 14.74
CA ILE A 97 8.10 18.04 15.37
C ILE A 97 7.95 17.25 16.67
N TYR A 98 8.49 16.03 16.68
CA TYR A 98 8.42 15.18 17.86
C TYR A 98 9.15 15.80 19.06
N GLN A 99 10.37 16.27 18.85
CA GLN A 99 11.11 16.88 19.94
C GLN A 99 10.32 18.05 20.52
N GLU A 100 9.75 18.85 19.63
CA GLU A 100 8.99 20.04 20.01
C GLU A 100 7.57 19.81 20.50
N HIS A 101 6.97 18.67 20.19
CA HIS A 101 5.59 18.48 20.60
C HIS A 101 5.14 17.10 21.07
N LYS A 102 6.05 16.16 21.28
CA LYS A 102 5.59 14.85 21.73
C LYS A 102 4.80 15.00 23.02
N ASP A 103 3.79 14.16 23.18
CA ASP A 103 2.95 14.18 24.35
C ASP A 103 3.67 13.55 25.52
N LYS A 104 3.20 13.85 26.73
CA LYS A 104 3.84 13.29 27.92
C LYS A 104 3.72 11.76 27.92
N ASP A 105 2.83 11.20 27.10
CA ASP A 105 2.69 9.76 27.05
C ASP A 105 3.71 9.11 26.11
N GLY A 106 4.42 9.94 25.36
CA GLY A 106 5.41 9.42 24.44
C GLY A 106 5.04 9.49 22.98
N PHE A 107 3.75 9.66 22.68
CA PHE A 107 3.33 9.76 21.29
C PHE A 107 3.30 11.20 20.80
N LEU A 108 3.12 11.38 19.50
CA LEU A 108 3.01 12.69 18.88
C LEU A 108 1.63 12.67 18.27
N TYR A 109 0.76 13.56 18.72
CA TYR A 109 -0.59 13.59 18.21
C TYR A 109 -0.78 14.60 17.10
N VAL A 110 -1.23 14.10 15.95
CA VAL A 110 -1.47 14.93 14.79
C VAL A 110 -2.93 14.88 14.44
N THR A 111 -3.41 15.87 13.72
CA THR A 111 -4.82 15.91 13.30
C THR A 111 -4.94 16.37 11.87
N TYR A 112 -5.95 15.88 11.16
CA TYR A 112 -6.13 16.26 9.77
C TYR A 112 -7.54 16.73 9.44
N SER A 113 -7.66 17.55 8.40
CA SER A 113 -8.96 18.05 7.98
C SER A 113 -8.90 18.73 6.61
N GLY A 114 -10.00 19.38 6.24
CA GLY A 114 -10.06 20.09 4.98
C GLY A 114 -10.59 21.49 5.18
N THR B 7 15.87 -1.36 -20.50
CA THR B 7 15.19 -0.07 -20.19
C THR B 7 14.05 0.20 -21.15
N PHE B 8 12.99 0.82 -20.63
CA PHE B 8 11.80 1.14 -21.39
C PHE B 8 12.07 1.49 -22.85
N LYS B 9 12.76 2.60 -23.09
CA LYS B 9 13.07 3.04 -24.44
C LYS B 9 13.76 1.94 -25.22
N SER B 10 15.03 1.70 -24.87
CA SER B 10 15.83 0.66 -25.49
C SER B 10 14.94 -0.49 -25.94
N GLU B 11 14.35 -1.16 -24.97
CA GLU B 11 13.47 -2.31 -25.20
C GLU B 11 12.31 -2.09 -26.18
N TYR B 12 11.77 -0.87 -26.22
CA TYR B 12 10.64 -0.61 -27.10
C TYR B 12 10.88 0.40 -28.23
N PRO B 13 10.01 0.38 -29.26
CA PRO B 13 10.08 1.28 -30.41
C PRO B 13 9.28 2.57 -30.12
N PHE B 14 9.59 3.65 -30.84
CA PHE B 14 8.91 4.92 -30.60
C PHE B 14 7.41 4.90 -30.75
N GLU B 15 6.92 4.57 -31.95
CA GLU B 15 5.49 4.55 -32.17
C GLU B 15 4.81 3.75 -31.10
N LYS B 16 5.59 2.91 -30.43
CA LYS B 16 5.06 2.06 -29.36
C LYS B 16 4.80 2.89 -28.11
N ARG B 17 5.85 3.50 -27.58
CA ARG B 17 5.75 4.31 -26.39
C ARG B 17 4.72 5.42 -26.57
N LYS B 18 4.85 6.17 -27.68
CA LYS B 18 3.94 7.26 -27.99
C LYS B 18 2.52 6.74 -28.00
N ALA B 19 2.36 5.52 -28.49
CA ALA B 19 1.05 4.91 -28.56
C ALA B 19 0.38 4.93 -27.19
N GLU B 20 1.15 4.59 -26.16
CA GLU B 20 0.63 4.58 -24.80
C GLU B 20 0.44 5.98 -24.22
N SER B 21 1.43 6.85 -24.42
CA SER B 21 1.33 8.22 -23.94
C SER B 21 0.01 8.78 -24.43
N GLU B 22 -0.39 8.32 -25.62
CA GLU B 22 -1.61 8.77 -26.26
C GLU B 22 -2.93 8.38 -25.59
N ARG B 23 -3.18 7.08 -25.41
CA ARG B 23 -4.44 6.67 -24.79
C ARG B 23 -4.49 6.89 -23.29
N ILE B 24 -3.32 6.99 -22.65
CA ILE B 24 -3.28 7.23 -21.22
C ILE B 24 -3.77 8.65 -21.02
N ALA B 25 -3.09 9.59 -21.67
CA ALA B 25 -3.46 11.00 -21.60
C ALA B 25 -4.87 11.08 -22.17
N ASP B 26 -5.27 10.02 -22.86
CA ASP B 26 -6.59 9.93 -23.47
C ASP B 26 -7.62 9.64 -22.39
N ARG B 27 -7.35 8.61 -21.59
CA ARG B 27 -8.26 8.19 -20.53
C ARG B 27 -7.88 8.63 -19.12
N PHE B 28 -7.03 9.66 -18.99
CA PHE B 28 -6.63 10.16 -17.69
C PHE B 28 -6.19 11.61 -17.85
N LYS B 29 -7.12 12.52 -17.61
CA LYS B 29 -6.88 13.95 -17.76
C LYS B 29 -6.16 14.63 -16.58
N ASN B 30 -6.27 14.04 -15.40
CA ASN B 30 -5.63 14.62 -14.23
C ASN B 30 -4.27 13.98 -13.94
N ARG B 31 -3.79 13.16 -14.87
CA ARG B 31 -2.51 12.48 -14.63
C ARG B 31 -1.39 12.71 -15.64
N ILE B 32 -0.18 12.38 -15.21
CA ILE B 32 1.01 12.49 -16.01
C ILE B 32 1.66 11.11 -16.07
N PRO B 33 1.89 10.59 -17.28
CA PRO B 33 2.51 9.28 -17.46
C PRO B 33 4.00 9.36 -17.16
N VAL B 34 4.44 8.62 -16.15
CA VAL B 34 5.86 8.63 -15.80
C VAL B 34 6.51 7.24 -15.84
N ILE B 35 7.72 7.18 -16.38
CA ILE B 35 8.49 5.94 -16.41
C ILE B 35 9.59 6.12 -15.39
N CYS B 36 9.55 5.32 -14.33
CA CYS B 36 10.56 5.44 -13.30
C CYS B 36 11.48 4.24 -13.37
N GLU B 37 12.76 4.50 -13.62
CA GLU B 37 13.72 3.40 -13.71
C GLU B 37 14.99 3.61 -12.92
N LYS B 38 15.53 2.51 -12.43
CA LYS B 38 16.76 2.53 -11.66
C LYS B 38 17.91 2.88 -12.59
N ALA B 39 18.91 3.57 -12.04
CA ALA B 39 20.09 3.94 -12.80
C ALA B 39 20.82 2.64 -13.13
N GLU B 40 21.34 2.55 -14.36
CA GLU B 40 22.03 1.34 -14.81
C GLU B 40 23.14 0.87 -13.88
N LYS B 41 23.92 1.81 -13.38
CA LYS B 41 25.02 1.49 -12.49
C LYS B 41 24.70 1.79 -11.02
N SER B 42 23.82 0.99 -10.41
CA SER B 42 23.44 1.20 -9.01
C SER B 42 23.11 -0.10 -8.27
N ASP B 43 23.66 -0.22 -7.06
CA ASP B 43 23.48 -1.40 -6.24
C ASP B 43 22.13 -1.47 -5.53
N ILE B 44 21.17 -0.62 -5.90
CA ILE B 44 19.87 -0.66 -5.23
C ILE B 44 18.86 -1.59 -5.90
N PRO B 45 17.88 -2.07 -5.13
CA PRO B 45 16.85 -2.97 -5.67
C PRO B 45 16.14 -2.38 -6.87
N GLU B 46 15.88 -3.22 -7.86
CA GLU B 46 15.17 -2.77 -9.05
C GLU B 46 13.80 -3.40 -9.08
N ILE B 47 12.77 -2.57 -9.25
CA ILE B 47 11.40 -3.02 -9.31
C ILE B 47 11.04 -3.44 -10.72
N ASP B 48 10.00 -4.26 -10.84
CA ASP B 48 9.49 -4.75 -12.10
C ASP B 48 8.40 -3.79 -12.59
N LYS B 49 7.98 -2.93 -11.67
CA LYS B 49 6.93 -1.94 -11.89
C LYS B 49 7.56 -0.58 -12.21
N ARG B 50 7.60 -0.18 -13.48
CA ARG B 50 8.23 1.10 -13.83
C ARG B 50 7.34 2.19 -14.41
N LYS B 51 6.04 1.93 -14.53
CA LYS B 51 5.11 2.92 -15.07
C LYS B 51 4.22 3.49 -13.99
N TYR B 52 4.26 4.81 -13.83
CA TYR B 52 3.44 5.44 -12.81
C TYR B 52 2.48 6.48 -13.35
N LEU B 53 1.32 6.59 -12.72
CA LEU B 53 0.32 7.58 -13.10
C LEU B 53 0.35 8.61 -12.00
N VAL B 54 0.92 9.78 -12.27
CA VAL B 54 1.03 10.80 -11.25
C VAL B 54 0.16 12.05 -11.40
N PRO B 55 -0.43 12.52 -10.28
CA PRO B 55 -1.29 13.70 -10.18
C PRO B 55 -0.45 14.94 -10.46
N ALA B 56 -1.08 15.93 -11.07
CA ALA B 56 -0.39 17.16 -11.42
C ALA B 56 0.47 17.69 -10.30
N ASP B 57 -0.15 17.87 -9.14
CA ASP B 57 0.54 18.42 -7.99
C ASP B 57 1.33 17.48 -7.10
N LEU B 58 1.71 16.33 -7.62
CA LEU B 58 2.52 15.41 -6.83
C LEU B 58 3.90 16.07 -6.75
N THR B 59 4.52 16.04 -5.58
CA THR B 59 5.85 16.65 -5.45
C THR B 59 6.93 15.61 -5.68
N VAL B 60 8.12 16.09 -6.03
CA VAL B 60 9.25 15.21 -6.27
C VAL B 60 9.57 14.41 -5.00
N GLY B 61 9.51 15.08 -3.85
CA GLY B 61 9.78 14.43 -2.59
C GLY B 61 8.77 13.34 -2.31
N GLN B 62 7.52 13.58 -2.68
CA GLN B 62 6.48 12.59 -2.48
C GLN B 62 6.68 11.41 -3.38
N PHE B 63 7.11 11.65 -4.62
CA PHE B 63 7.36 10.57 -5.55
C PHE B 63 8.53 9.75 -5.03
N VAL B 64 9.50 10.43 -4.45
CA VAL B 64 10.68 9.78 -3.89
C VAL B 64 10.27 8.79 -2.81
N TYR B 65 9.41 9.27 -1.93
CA TYR B 65 8.91 8.49 -0.83
C TYR B 65 8.26 7.22 -1.36
N VAL B 66 7.40 7.38 -2.36
CA VAL B 66 6.72 6.26 -2.95
C VAL B 66 7.71 5.15 -3.36
N ILE B 67 8.76 5.53 -4.08
CA ILE B 67 9.75 4.57 -4.53
C ILE B 67 10.51 3.98 -3.37
N ARG B 68 10.90 4.83 -2.41
CA ARG B 68 11.61 4.35 -1.24
C ARG B 68 10.83 3.22 -0.58
N LYS B 69 9.51 3.31 -0.58
CA LYS B 69 8.71 2.27 0.05
C LYS B 69 8.63 0.94 -0.69
N ARG B 70 8.19 0.94 -1.95
CA ARG B 70 8.08 -0.34 -2.64
C ARG B 70 9.37 -1.10 -2.86
N ILE B 71 10.51 -0.48 -2.56
CA ILE B 71 11.79 -1.18 -2.67
C ILE B 71 12.37 -1.33 -1.26
N MET B 72 11.53 -1.05 -0.26
CA MET B 72 11.88 -1.15 1.15
C MET B 72 13.30 -0.68 1.45
N LEU B 73 13.63 0.49 0.91
CA LEU B 73 14.94 1.09 1.11
C LEU B 73 15.04 1.54 2.56
N PRO B 74 16.13 1.18 3.25
CA PRO B 74 16.32 1.57 4.65
C PRO B 74 16.23 3.08 4.80
N PRO B 75 15.50 3.56 5.81
CA PRO B 75 15.34 5.00 6.05
C PRO B 75 16.68 5.70 6.19
N GLU B 76 17.70 4.97 6.62
CA GLU B 76 19.05 5.53 6.77
C GLU B 76 19.72 5.76 5.42
N LYS B 77 19.56 4.79 4.52
CA LYS B 77 20.15 4.91 3.19
C LYS B 77 19.49 6.05 2.42
N ALA B 78 20.25 6.63 1.49
CA ALA B 78 19.75 7.72 0.69
C ALA B 78 19.29 7.22 -0.67
N ILE B 79 18.55 8.06 -1.37
CA ILE B 79 18.04 7.73 -2.68
C ILE B 79 18.00 9.05 -3.44
N PHE B 80 18.14 8.98 -4.75
CA PHE B 80 18.16 10.19 -5.55
C PHE B 80 17.39 10.02 -6.83
N ILE B 81 16.54 10.99 -7.13
CA ILE B 81 15.75 10.97 -8.34
C ILE B 81 16.36 11.96 -9.33
N PHE B 82 16.59 11.50 -10.54
CA PHE B 82 17.13 12.34 -11.59
C PHE B 82 16.15 12.45 -12.77
N VAL B 83 16.13 13.64 -13.37
CA VAL B 83 15.33 13.98 -14.54
C VAL B 83 16.42 14.56 -15.42
N ASN B 84 16.54 13.95 -16.59
CA ASN B 84 17.54 14.28 -17.62
C ASN B 84 18.83 14.77 -16.96
N ASP B 85 19.45 13.86 -16.24
CA ASP B 85 20.74 14.12 -15.60
C ASP B 85 20.76 15.15 -14.48
N THR B 86 19.62 15.76 -14.15
CA THR B 86 19.62 16.78 -13.10
C THR B 86 18.91 16.37 -11.83
N LEU B 87 19.50 16.76 -10.70
CA LEU B 87 18.94 16.48 -9.39
C LEU B 87 17.91 17.55 -9.03
N PRO B 88 16.61 17.26 -9.22
CA PRO B 88 15.61 18.28 -8.88
C PRO B 88 15.32 18.48 -7.38
N PRO B 89 14.72 19.62 -7.04
CA PRO B 89 14.40 19.88 -5.63
C PRO B 89 13.15 19.08 -5.24
N THR B 90 13.06 18.69 -3.98
CA THR B 90 11.93 17.94 -3.47
C THR B 90 10.57 18.65 -3.50
N ALA B 91 10.57 19.95 -3.80
CA ALA B 91 9.32 20.68 -3.82
C ALA B 91 8.81 20.84 -5.24
N ALA B 92 9.65 20.46 -6.19
CA ALA B 92 9.27 20.57 -7.59
C ALA B 92 7.98 19.79 -7.86
N LEU B 93 7.05 20.44 -8.54
CA LEU B 93 5.79 19.78 -8.86
C LEU B 93 5.98 18.92 -10.09
N MET B 94 5.40 17.72 -10.06
CA MET B 94 5.53 16.81 -11.19
C MET B 94 4.96 17.48 -12.44
N SER B 95 3.86 18.21 -12.26
CA SER B 95 3.21 18.92 -13.36
C SER B 95 4.28 19.76 -14.06
N ALA B 96 5.00 20.52 -13.23
CA ALA B 96 6.04 21.40 -13.70
C ALA B 96 7.15 20.69 -14.46
N ILE B 97 7.65 19.60 -13.90
CA ILE B 97 8.72 18.88 -14.56
C ILE B 97 8.31 18.32 -15.90
N TYR B 98 7.03 17.95 -16.01
CA TYR B 98 6.51 17.39 -17.25
C TYR B 98 6.67 18.34 -18.45
N GLN B 99 6.19 19.56 -18.30
CA GLN B 99 6.29 20.55 -19.37
C GLN B 99 7.73 20.78 -19.79
N GLU B 100 8.60 20.88 -18.79
CA GLU B 100 10.01 21.14 -19.02
C GLU B 100 10.86 19.99 -19.56
N HIS B 101 10.46 18.75 -19.34
CA HIS B 101 11.31 17.65 -19.78
C HIS B 101 10.70 16.42 -20.41
N LYS B 102 9.37 16.37 -20.54
CA LYS B 102 8.72 15.20 -21.14
C LYS B 102 9.38 14.83 -22.45
N ASP B 103 9.74 13.57 -22.61
CA ASP B 103 10.40 13.08 -23.82
C ASP B 103 9.46 13.16 -25.02
N LYS B 104 10.03 13.30 -26.21
CA LYS B 104 9.23 13.35 -27.44
C LYS B 104 8.32 12.14 -27.39
N ASP B 105 8.59 11.30 -26.41
CA ASP B 105 7.86 10.07 -26.14
C ASP B 105 6.43 10.30 -25.68
N GLY B 106 6.25 11.31 -24.84
CA GLY B 106 4.95 11.62 -24.29
C GLY B 106 5.03 11.34 -22.81
N PHE B 107 6.02 10.53 -22.44
CA PHE B 107 6.26 10.17 -21.04
C PHE B 107 7.34 11.08 -20.46
N LEU B 108 7.48 11.01 -19.14
CA LEU B 108 8.50 11.76 -18.42
C LEU B 108 9.41 10.65 -17.91
N TYR B 109 10.70 10.77 -18.18
CA TYR B 109 11.66 9.75 -17.74
C TYR B 109 12.48 10.13 -16.52
N VAL B 110 12.26 9.39 -15.44
CA VAL B 110 12.97 9.63 -14.20
C VAL B 110 13.91 8.48 -13.93
N THR B 111 14.85 8.69 -13.01
CA THR B 111 15.83 7.69 -12.65
C THR B 111 16.25 7.82 -11.20
N TYR B 112 16.42 6.71 -10.51
CA TYR B 112 16.79 6.79 -9.11
C TYR B 112 18.03 5.98 -8.79
N SER B 113 18.64 6.29 -7.65
CA SER B 113 19.84 5.60 -7.21
C SER B 113 20.15 6.03 -5.79
N GLY B 114 21.27 5.54 -5.26
CA GLY B 114 21.68 5.90 -3.91
C GLY B 114 23.05 6.56 -3.91
N GLU B 115 23.62 6.74 -5.11
CA GLU B 115 24.94 7.34 -5.35
C GLU B 115 26.05 6.99 -4.35
N THR C 7 -26.37 -6.69 -15.04
CA THR C 7 -25.82 -6.04 -13.82
C THR C 7 -26.78 -6.09 -12.65
N PHE C 8 -26.20 -5.98 -11.46
CA PHE C 8 -26.94 -6.01 -10.21
C PHE C 8 -28.15 -5.09 -10.21
N LYS C 9 -27.95 -3.83 -10.62
CA LYS C 9 -29.04 -2.87 -10.63
C LYS C 9 -30.17 -3.20 -11.60
N SER C 10 -29.85 -3.92 -12.67
CA SER C 10 -30.86 -4.30 -13.65
C SER C 10 -31.66 -5.49 -13.11
N GLU C 11 -30.95 -6.39 -12.45
CA GLU C 11 -31.55 -7.60 -11.89
C GLU C 11 -32.32 -7.39 -10.60
N TYR C 12 -32.11 -6.27 -9.90
CA TYR C 12 -32.84 -6.04 -8.66
C TYR C 12 -33.32 -4.61 -8.54
N PRO C 13 -34.50 -4.41 -7.93
CA PRO C 13 -35.06 -3.07 -7.75
C PRO C 13 -34.51 -2.35 -6.52
N PHE C 14 -34.38 -1.03 -6.66
CA PHE C 14 -33.86 -0.20 -5.59
C PHE C 14 -34.22 -0.61 -4.17
N GLU C 15 -35.50 -0.46 -3.83
CA GLU C 15 -36.00 -0.76 -2.50
C GLU C 15 -35.51 -2.10 -1.95
N LYS C 16 -35.40 -3.10 -2.81
CA LYS C 16 -34.94 -4.40 -2.35
C LYS C 16 -33.44 -4.38 -2.06
N ARG C 17 -32.71 -3.56 -2.80
CA ARG C 17 -31.26 -3.46 -2.62
C ARG C 17 -30.91 -2.67 -1.38
N LYS C 18 -31.63 -1.57 -1.15
CA LYS C 18 -31.38 -0.74 0.02
C LYS C 18 -31.59 -1.57 1.27
N ALA C 19 -32.66 -2.34 1.28
CA ALA C 19 -32.99 -3.19 2.43
C ALA C 19 -31.94 -4.25 2.62
N GLU C 20 -31.17 -4.51 1.57
CA GLU C 20 -30.13 -5.52 1.67
C GLU C 20 -28.89 -4.93 2.30
N SER C 21 -28.63 -3.66 1.98
CA SER C 21 -27.48 -2.93 2.51
C SER C 21 -27.65 -2.80 4.01
N GLU C 22 -28.79 -2.23 4.38
CA GLU C 22 -29.14 -2.00 5.77
C GLU C 22 -29.03 -3.29 6.57
N ARG C 23 -29.54 -4.37 6.00
CA ARG C 23 -29.49 -5.68 6.65
C ARG C 23 -28.05 -5.92 7.06
N ILE C 24 -27.11 -5.60 6.17
CA ILE C 24 -25.68 -5.79 6.44
C ILE C 24 -25.20 -4.84 7.54
N ALA C 25 -25.60 -3.58 7.44
CA ALA C 25 -25.22 -2.57 8.41
C ALA C 25 -25.69 -2.95 9.82
N ASP C 26 -26.82 -3.64 9.90
CA ASP C 26 -27.39 -4.04 11.17
C ASP C 26 -26.83 -5.34 11.68
N ARG C 27 -26.55 -6.29 10.79
CA ARG C 27 -26.06 -7.59 11.24
C ARG C 27 -24.58 -7.66 11.55
N PHE C 28 -23.77 -6.86 10.87
CA PHE C 28 -22.32 -6.86 11.09
C PHE C 28 -21.77 -5.49 11.52
N LYS C 29 -20.77 -5.51 12.39
CA LYS C 29 -20.17 -4.28 12.90
C LYS C 29 -19.41 -3.45 11.87
N ASN C 30 -18.34 -4.00 11.31
CA ASN C 30 -17.55 -3.25 10.33
C ASN C 30 -17.35 -3.93 8.98
N ARG C 31 -18.45 -4.15 8.27
CA ARG C 31 -18.38 -4.77 6.98
C ARG C 31 -18.98 -3.84 5.93
N ILE C 32 -18.38 -3.83 4.75
CA ILE C 32 -18.86 -2.99 3.66
C ILE C 32 -19.47 -3.79 2.53
N PRO C 33 -20.73 -3.50 2.17
CA PRO C 33 -21.40 -4.21 1.07
C PRO C 33 -20.85 -3.79 -0.28
N VAL C 34 -20.13 -4.69 -0.92
CA VAL C 34 -19.57 -4.38 -2.21
C VAL C 34 -20.12 -5.23 -3.37
N ILE C 35 -20.47 -4.56 -4.45
CA ILE C 35 -20.96 -5.21 -5.66
C ILE C 35 -19.76 -4.97 -6.58
N CYS C 36 -19.21 -6.05 -7.12
CA CYS C 36 -18.05 -5.94 -7.98
C CYS C 36 -18.27 -6.73 -9.25
N GLU C 37 -18.32 -6.02 -10.37
CA GLU C 37 -18.57 -6.65 -11.66
C GLU C 37 -17.50 -6.24 -12.66
N LYS C 38 -17.46 -6.95 -13.79
CA LYS C 38 -16.49 -6.68 -14.83
C LYS C 38 -16.99 -5.63 -15.81
N ALA C 39 -16.08 -4.77 -16.27
CA ALA C 39 -16.43 -3.75 -17.24
C ALA C 39 -16.82 -4.59 -18.44
N GLU C 40 -17.95 -4.28 -19.07
CA GLU C 40 -18.42 -5.05 -20.21
C GLU C 40 -17.51 -5.05 -21.45
N LYS C 41 -16.33 -4.43 -21.37
CA LYS C 41 -15.44 -4.39 -22.52
C LYS C 41 -14.19 -5.23 -22.34
N SER C 42 -13.90 -5.60 -21.09
CA SER C 42 -12.72 -6.40 -20.79
C SER C 42 -12.88 -7.85 -21.24
N ASP C 43 -11.80 -8.44 -21.74
CA ASP C 43 -11.81 -9.82 -22.23
C ASP C 43 -11.34 -10.81 -21.15
N ILE C 44 -11.05 -10.29 -19.96
CA ILE C 44 -10.61 -11.13 -18.85
C ILE C 44 -11.75 -12.00 -18.33
N PRO C 45 -11.44 -13.06 -17.58
CA PRO C 45 -12.48 -13.96 -17.05
C PRO C 45 -13.52 -13.25 -16.20
N GLU C 46 -14.77 -13.69 -16.29
CA GLU C 46 -15.80 -13.06 -15.49
C GLU C 46 -16.27 -13.93 -14.33
N ILE C 47 -16.01 -13.48 -13.11
CA ILE C 47 -16.41 -14.21 -11.92
C ILE C 47 -17.92 -14.44 -11.94
N ASP C 48 -18.39 -15.38 -11.13
CA ASP C 48 -19.81 -15.70 -11.07
C ASP C 48 -20.51 -14.96 -9.93
N LYS C 49 -19.74 -14.51 -8.96
CA LYS C 49 -20.29 -13.78 -7.83
C LYS C 49 -19.80 -12.34 -7.84
N ARG C 50 -20.73 -11.41 -7.61
CA ARG C 50 -20.38 -10.00 -7.60
C ARG C 50 -20.61 -9.36 -6.24
N LYS C 51 -21.33 -10.04 -5.36
CA LYS C 51 -21.57 -9.49 -4.04
C LYS C 51 -20.44 -9.86 -3.09
N TYR C 52 -19.79 -8.85 -2.52
CA TYR C 52 -18.70 -9.10 -1.60
C TYR C 52 -18.94 -8.41 -0.26
N LEU C 53 -18.59 -9.11 0.82
CA LEU C 53 -18.71 -8.55 2.15
C LEU C 53 -17.28 -8.23 2.49
N VAL C 54 -16.93 -6.94 2.48
CA VAL C 54 -15.55 -6.58 2.75
C VAL C 54 -15.26 -5.84 4.06
N PRO C 55 -14.05 -6.08 4.62
CA PRO C 55 -13.60 -5.44 5.86
C PRO C 55 -13.41 -3.92 5.69
N ALA C 56 -13.73 -3.17 6.73
CA ALA C 56 -13.58 -1.72 6.68
C ALA C 56 -12.16 -1.33 6.32
N ASP C 57 -11.19 -2.00 6.92
CA ASP C 57 -9.79 -1.71 6.68
C ASP C 57 -9.11 -2.48 5.56
N LEU C 58 -9.91 -3.04 4.67
CA LEU C 58 -9.37 -3.76 3.53
C LEU C 58 -8.90 -2.66 2.60
N THR C 59 -7.75 -2.86 1.97
CA THR C 59 -7.21 -1.86 1.08
C THR C 59 -7.54 -2.23 -0.35
N VAL C 60 -7.45 -1.26 -1.24
CA VAL C 60 -7.73 -1.49 -2.66
C VAL C 60 -6.74 -2.51 -3.20
N GLY C 61 -5.49 -2.39 -2.77
CA GLY C 61 -4.48 -3.31 -3.23
C GLY C 61 -4.92 -4.74 -2.94
N GLN C 62 -5.22 -5.01 -1.69
CA GLN C 62 -5.64 -6.33 -1.29
C GLN C 62 -6.91 -6.80 -2.04
N PHE C 63 -7.82 -5.88 -2.33
CA PHE C 63 -9.02 -6.24 -3.05
C PHE C 63 -8.63 -6.66 -4.45
N VAL C 64 -7.75 -5.87 -5.07
CA VAL C 64 -7.30 -6.18 -6.41
C VAL C 64 -6.70 -7.57 -6.43
N TYR C 65 -5.92 -7.86 -5.39
CA TYR C 65 -5.26 -9.14 -5.24
C TYR C 65 -6.26 -10.30 -5.21
N VAL C 66 -7.34 -10.15 -4.45
CA VAL C 66 -8.35 -11.18 -4.34
C VAL C 66 -8.96 -11.53 -5.70
N ILE C 67 -9.29 -10.49 -6.46
CA ILE C 67 -9.88 -10.69 -7.79
C ILE C 67 -8.87 -11.40 -8.68
N ARG C 68 -7.63 -10.95 -8.62
CA ARG C 68 -6.59 -11.55 -9.44
C ARG C 68 -6.50 -13.06 -9.20
N LYS C 69 -6.50 -13.46 -7.93
CA LYS C 69 -6.39 -14.88 -7.63
C LYS C 69 -7.62 -15.67 -8.06
N ARG C 70 -8.80 -15.08 -7.85
CA ARG C 70 -10.06 -15.72 -8.18
C ARG C 70 -10.17 -16.14 -9.64
N ILE C 71 -9.60 -15.35 -10.55
CA ILE C 71 -9.65 -15.64 -11.98
C ILE C 71 -8.30 -16.01 -12.61
N MET C 72 -7.41 -16.58 -11.79
CA MET C 72 -6.09 -17.00 -12.24
C MET C 72 -5.53 -16.13 -13.34
N LEU C 73 -5.30 -14.86 -13.00
CA LEU C 73 -4.77 -13.92 -13.96
C LEU C 73 -3.23 -14.02 -13.95
N PRO C 74 -2.60 -14.17 -15.14
CA PRO C 74 -1.14 -14.26 -15.21
C PRO C 74 -0.50 -13.07 -14.48
N PRO C 75 0.45 -13.35 -13.57
CA PRO C 75 1.09 -12.24 -12.83
C PRO C 75 1.57 -11.14 -13.77
N GLU C 76 1.87 -11.52 -15.01
CA GLU C 76 2.30 -10.56 -16.01
C GLU C 76 1.12 -9.61 -16.16
N LYS C 77 0.11 -10.03 -16.91
CA LYS C 77 -1.09 -9.25 -17.15
C LYS C 77 -1.52 -8.42 -15.93
N ALA C 78 -1.96 -7.20 -16.20
CA ALA C 78 -2.37 -6.29 -15.14
C ALA C 78 -3.89 -6.13 -15.12
N ILE C 79 -4.39 -5.71 -13.96
CA ILE C 79 -5.81 -5.52 -13.76
C ILE C 79 -6.02 -4.18 -13.10
N PHE C 80 -7.18 -3.57 -13.32
CA PHE C 80 -7.47 -2.27 -12.73
C PHE C 80 -8.85 -2.30 -12.06
N ILE C 81 -9.02 -1.46 -11.03
CA ILE C 81 -10.29 -1.40 -10.33
C ILE C 81 -10.80 0.01 -10.31
N PHE C 82 -11.97 0.22 -10.91
CA PHE C 82 -12.51 1.57 -10.94
C PHE C 82 -13.63 1.80 -9.96
N VAL C 83 -13.72 3.05 -9.52
CA VAL C 83 -14.74 3.50 -8.62
C VAL C 83 -15.25 4.74 -9.28
N ASN C 84 -16.43 4.64 -9.89
CA ASN C 84 -17.07 5.75 -10.57
C ASN C 84 -16.04 6.32 -11.57
N ASP C 85 -15.56 5.47 -12.47
CA ASP C 85 -14.58 5.91 -13.47
C ASP C 85 -13.27 6.44 -12.90
N THR C 86 -13.05 6.25 -11.60
CA THR C 86 -11.84 6.74 -10.97
C THR C 86 -10.94 5.59 -10.51
N LEU C 87 -9.66 5.71 -10.83
CA LEU C 87 -8.66 4.72 -10.47
C LEU C 87 -8.16 5.09 -9.08
N PRO C 88 -8.59 4.35 -8.05
CA PRO C 88 -8.16 4.65 -6.69
C PRO C 88 -6.79 4.08 -6.34
N PRO C 89 -6.08 4.75 -5.43
CA PRO C 89 -4.75 4.32 -4.97
C PRO C 89 -4.83 3.00 -4.21
N THR C 90 -3.85 2.12 -4.44
CA THR C 90 -3.85 0.82 -3.80
C THR C 90 -3.96 0.85 -2.27
N ALA C 91 -3.63 1.98 -1.66
CA ALA C 91 -3.69 2.10 -0.21
C ALA C 91 -5.04 2.57 0.32
N ALA C 92 -5.89 3.09 -0.54
CA ALA C 92 -7.20 3.56 -0.09
C ALA C 92 -7.97 2.46 0.65
N LEU C 93 -8.52 2.80 1.80
CA LEU C 93 -9.29 1.83 2.56
C LEU C 93 -10.68 1.72 1.96
N MET C 94 -11.21 0.50 1.93
CA MET C 94 -12.55 0.32 1.40
C MET C 94 -13.49 1.19 2.19
N SER C 95 -13.18 1.33 3.47
CA SER C 95 -14.01 2.14 4.34
C SER C 95 -14.13 3.56 3.83
N ALA C 96 -13.00 4.16 3.45
CA ALA C 96 -13.00 5.53 2.97
C ALA C 96 -13.78 5.63 1.67
N ILE C 97 -13.45 4.74 0.74
CA ILE C 97 -14.11 4.72 -0.55
C ILE C 97 -15.62 4.63 -0.38
N TYR C 98 -16.07 3.86 0.60
CA TYR C 98 -17.51 3.71 0.84
C TYR C 98 -18.15 5.03 1.25
N GLN C 99 -17.51 5.71 2.20
CA GLN C 99 -17.99 6.99 2.70
C GLN C 99 -18.08 8.04 1.61
N GLU C 100 -17.25 7.93 0.59
CA GLU C 100 -17.23 8.92 -0.50
C GLU C 100 -17.93 8.49 -1.76
N HIS C 101 -18.30 7.22 -1.88
CA HIS C 101 -18.90 6.80 -3.12
C HIS C 101 -20.04 5.79 -3.08
N LYS C 102 -20.41 5.30 -1.90
CA LYS C 102 -21.50 4.33 -1.82
C LYS C 102 -22.68 4.79 -2.67
N ASP C 103 -23.42 3.83 -3.22
CA ASP C 103 -24.56 4.15 -4.05
C ASP C 103 -25.69 4.67 -3.14
N LYS C 104 -26.79 5.12 -3.72
CA LYS C 104 -27.89 5.60 -2.90
C LYS C 104 -28.58 4.40 -2.28
N ASP C 105 -28.31 3.21 -2.83
CA ASP C 105 -28.90 1.98 -2.33
C ASP C 105 -28.09 1.39 -1.19
N GLY C 106 -27.03 2.08 -0.81
CA GLY C 106 -26.20 1.62 0.30
C GLY C 106 -25.03 0.74 -0.07
N PHE C 107 -24.96 0.29 -1.32
CA PHE C 107 -23.84 -0.55 -1.75
C PHE C 107 -22.69 0.27 -2.32
N LEU C 108 -21.54 -0.38 -2.48
CA LEU C 108 -20.38 0.25 -3.08
C LEU C 108 -20.15 -0.50 -4.37
N TYR C 109 -20.35 0.17 -5.50
CA TYR C 109 -20.15 -0.45 -6.82
C TYR C 109 -18.73 -0.30 -7.32
N VAL C 110 -18.12 -1.42 -7.68
CA VAL C 110 -16.77 -1.45 -8.21
C VAL C 110 -16.66 -2.31 -9.47
N THR C 111 -15.85 -1.86 -10.42
CA THR C 111 -15.66 -2.60 -11.65
C THR C 111 -14.18 -2.90 -11.87
N TYR C 112 -13.89 -3.99 -12.57
CA TYR C 112 -12.50 -4.37 -12.82
C TYR C 112 -12.26 -4.70 -14.28
N SER C 113 -11.00 -4.67 -14.70
CA SER C 113 -10.63 -4.96 -16.08
C SER C 113 -9.12 -4.87 -16.23
N GLY C 114 -8.61 -5.02 -17.45
CA GLY C 114 -7.18 -4.97 -17.67
C GLY C 114 -6.69 -4.07 -18.79
N THR D 7 11.96 -24.49 14.10
CA THR D 7 11.95 -23.64 12.87
C THR D 7 12.41 -24.44 11.66
N PHE D 8 12.19 -23.87 10.49
CA PHE D 8 12.57 -24.50 9.23
C PHE D 8 14.08 -24.78 9.16
N LYS D 9 14.89 -23.77 9.50
CA LYS D 9 16.34 -23.87 9.44
C LYS D 9 16.91 -24.96 10.34
N SER D 10 16.16 -25.32 11.38
CA SER D 10 16.60 -26.34 12.29
C SER D 10 16.18 -27.71 11.76
N GLU D 11 14.90 -27.81 11.41
CA GLU D 11 14.35 -29.05 10.89
C GLU D 11 15.25 -29.66 9.81
N TYR D 12 15.67 -28.83 8.85
CA TYR D 12 16.51 -29.31 7.75
C TYR D 12 17.90 -28.69 7.73
N PRO D 13 18.88 -29.38 7.09
CA PRO D 13 20.26 -28.91 6.97
C PRO D 13 20.45 -28.04 5.72
N PHE D 14 21.28 -27.01 5.84
CA PHE D 14 21.54 -26.07 4.75
C PHE D 14 21.56 -26.72 3.36
N GLU D 15 22.53 -27.59 3.13
CA GLU D 15 22.65 -28.26 1.84
C GLU D 15 21.29 -28.65 1.29
N LYS D 16 20.40 -29.08 2.19
CA LYS D 16 19.07 -29.51 1.79
C LYS D 16 18.21 -28.34 1.31
N ARG D 17 18.32 -27.21 2.00
CA ARG D 17 17.55 -26.02 1.64
C ARG D 17 18.04 -25.35 0.36
N LYS D 18 19.36 -25.13 0.26
CA LYS D 18 19.93 -24.49 -0.92
C LYS D 18 19.56 -25.28 -2.15
N ALA D 19 19.16 -26.52 -1.94
CA ALA D 19 18.76 -27.40 -3.02
C ALA D 19 17.46 -26.88 -3.62
N GLU D 20 16.38 -27.00 -2.85
CA GLU D 20 15.08 -26.53 -3.31
C GLU D 20 15.15 -25.16 -3.94
N SER D 21 15.84 -24.25 -3.26
CA SER D 21 15.99 -22.87 -3.74
C SER D 21 16.17 -22.85 -5.24
N GLU D 22 17.35 -23.30 -5.68
CA GLU D 22 17.69 -23.33 -7.11
C GLU D 22 16.66 -24.15 -7.86
N ARG D 23 16.23 -25.23 -7.24
CA ARG D 23 15.25 -26.11 -7.85
C ARG D 23 14.04 -25.26 -8.21
N ILE D 24 13.51 -24.52 -7.24
CA ILE D 24 12.37 -23.65 -7.48
C ILE D 24 12.79 -22.48 -8.37
N ALA D 25 14.00 -21.98 -8.11
CA ALA D 25 14.57 -20.87 -8.87
C ALA D 25 14.63 -21.22 -10.35
N ASP D 26 14.77 -22.50 -10.62
CA ASP D 26 14.85 -22.99 -11.99
C ASP D 26 13.46 -23.48 -12.38
N ARG D 27 12.85 -24.26 -11.49
CA ARG D 27 11.51 -24.80 -11.73
C ARG D 27 10.48 -23.71 -11.95
N PHE D 28 10.81 -22.49 -11.58
CA PHE D 28 9.89 -21.37 -11.76
C PHE D 28 10.60 -20.10 -12.23
N LYS D 29 10.01 -19.45 -13.22
CA LYS D 29 10.56 -18.24 -13.81
C LYS D 29 10.63 -17.06 -12.86
N ASN D 30 9.48 -16.57 -12.41
CA ASN D 30 9.45 -15.42 -11.53
C ASN D 30 8.65 -15.61 -10.24
N ARG D 31 9.19 -16.41 -9.33
CA ARG D 31 8.55 -16.65 -8.06
C ARG D 31 9.56 -16.57 -6.93
N ILE D 32 9.17 -15.99 -5.81
CA ILE D 32 10.05 -15.87 -4.67
C ILE D 32 9.73 -16.94 -3.64
N PRO D 33 10.72 -17.76 -3.27
CA PRO D 33 10.50 -18.82 -2.27
C PRO D 33 10.58 -18.22 -0.88
N VAL D 34 9.45 -18.19 -0.18
CA VAL D 34 9.40 -17.63 1.16
C VAL D 34 9.01 -18.64 2.25
N ILE D 35 9.64 -18.51 3.42
CA ILE D 35 9.35 -19.37 4.56
C ILE D 35 8.73 -18.44 5.61
N CYS D 36 7.43 -18.58 5.84
CA CYS D 36 6.74 -17.72 6.79
C CYS D 36 6.36 -18.45 8.09
N GLU D 37 6.96 -18.00 9.19
CA GLU D 37 6.71 -18.63 10.47
C GLU D 37 6.23 -17.68 11.53
N LYS D 38 5.76 -18.25 12.63
CA LYS D 38 5.26 -17.49 13.75
C LYS D 38 6.42 -17.21 14.72
N ALA D 39 6.48 -15.99 15.24
CA ALA D 39 7.52 -15.63 16.19
C ALA D 39 7.28 -16.50 17.44
N GLU D 40 8.31 -17.24 17.85
CA GLU D 40 8.20 -18.15 19.00
C GLU D 40 7.39 -17.60 20.20
N LYS D 41 7.41 -16.28 20.38
CA LYS D 41 6.69 -15.64 21.49
C LYS D 41 5.26 -15.20 21.23
N SER D 42 4.82 -15.20 19.97
CA SER D 42 3.46 -14.78 19.63
C SER D 42 2.39 -15.73 20.18
N ASP D 43 1.28 -15.14 20.64
CA ASP D 43 0.18 -15.92 21.20
C ASP D 43 -0.93 -16.17 20.19
N ILE D 44 -0.62 -16.01 18.91
CA ILE D 44 -1.61 -16.23 17.87
C ILE D 44 -1.47 -17.63 17.27
N PRO D 45 -2.55 -18.16 16.68
CA PRO D 45 -2.55 -19.49 16.07
C PRO D 45 -1.38 -19.73 15.13
N GLU D 46 -0.79 -20.92 15.21
CA GLU D 46 0.28 -21.25 14.30
C GLU D 46 -0.18 -22.33 13.34
N ILE D 47 -0.13 -22.03 12.05
CA ILE D 47 -0.51 -22.97 11.01
C ILE D 47 0.70 -23.83 10.70
N ASP D 48 0.51 -25.02 10.14
CA ASP D 48 1.65 -25.88 9.82
C ASP D 48 2.17 -25.61 8.42
N LYS D 49 1.44 -24.80 7.67
CA LYS D 49 1.84 -24.45 6.31
C LYS D 49 2.74 -23.23 6.38
N ARG D 50 4.02 -23.39 6.05
CA ARG D 50 4.96 -22.29 6.13
C ARG D 50 5.78 -22.00 4.88
N LYS D 51 5.59 -22.78 3.83
CA LYS D 51 6.36 -22.55 2.61
C LYS D 51 5.49 -21.83 1.57
N TYR D 52 5.89 -20.62 1.19
CA TYR D 52 5.12 -19.88 0.21
C TYR D 52 5.84 -19.55 -1.07
N LEU D 53 5.15 -19.72 -2.19
CA LEU D 53 5.69 -19.44 -3.51
C LEU D 53 5.00 -18.15 -3.92
N VAL D 54 5.70 -17.03 -3.82
CA VAL D 54 5.10 -15.75 -4.15
C VAL D 54 5.62 -14.96 -5.33
N PRO D 55 4.69 -14.35 -6.09
CA PRO D 55 5.03 -13.53 -7.26
C PRO D 55 5.97 -12.39 -6.87
N ALA D 56 6.83 -11.99 -7.80
CA ALA D 56 7.75 -10.90 -7.52
C ALA D 56 7.03 -9.66 -7.00
N ASP D 57 6.01 -9.22 -7.73
CA ASP D 57 5.26 -8.03 -7.35
C ASP D 57 4.17 -8.20 -6.30
N LEU D 58 4.27 -9.24 -5.48
CA LEU D 58 3.33 -9.40 -4.39
C LEU D 58 3.77 -8.38 -3.35
N THR D 59 2.82 -7.64 -2.79
CA THR D 59 3.18 -6.63 -1.79
C THR D 59 3.12 -7.16 -0.37
N VAL D 60 3.95 -6.60 0.50
CA VAL D 60 3.94 -7.03 1.90
C VAL D 60 2.49 -6.95 2.36
N GLY D 61 1.86 -5.82 2.08
CA GLY D 61 0.47 -5.61 2.45
C GLY D 61 -0.47 -6.72 1.98
N GLN D 62 -0.28 -7.21 0.76
CA GLN D 62 -1.15 -8.30 0.29
C GLN D 62 -0.73 -9.61 0.94
N PHE D 63 0.57 -9.74 1.23
CA PHE D 63 1.06 -10.95 1.86
C PHE D 63 0.50 -11.08 3.28
N VAL D 64 0.36 -9.95 3.96
CA VAL D 64 -0.16 -9.94 5.33
C VAL D 64 -1.64 -10.32 5.31
N TYR D 65 -2.34 -9.82 4.30
CA TYR D 65 -3.75 -10.11 4.13
C TYR D 65 -3.97 -11.63 4.00
N VAL D 66 -3.06 -12.30 3.29
CA VAL D 66 -3.15 -13.74 3.10
C VAL D 66 -3.05 -14.47 4.41
N ILE D 67 -2.01 -14.15 5.17
CA ILE D 67 -1.77 -14.80 6.45
C ILE D 67 -2.96 -14.59 7.37
N ARG D 68 -3.49 -13.37 7.39
CA ARG D 68 -4.62 -13.04 8.25
C ARG D 68 -5.84 -13.95 8.07
N LYS D 69 -6.21 -14.19 6.82
CA LYS D 69 -7.36 -15.02 6.51
C LYS D 69 -7.12 -16.49 6.82
N ARG D 70 -5.88 -16.90 6.68
CA ARG D 70 -5.49 -18.28 6.97
C ARG D 70 -5.65 -18.61 8.45
N ILE D 71 -5.40 -17.65 9.32
CA ILE D 71 -5.47 -17.91 10.76
C ILE D 71 -6.70 -17.36 11.45
N MET D 72 -7.64 -16.86 10.65
CA MET D 72 -8.88 -16.30 11.16
C MET D 72 -8.63 -15.38 12.33
N LEU D 73 -7.92 -14.28 12.11
CA LEU D 73 -7.66 -13.35 13.21
C LEU D 73 -8.80 -12.35 13.39
N PRO D 74 -9.24 -12.16 14.64
CA PRO D 74 -10.33 -11.22 14.91
C PRO D 74 -10.03 -9.86 14.27
N PRO D 75 -11.07 -9.13 13.84
CA PRO D 75 -10.78 -7.84 13.24
C PRO D 75 -10.03 -6.94 14.21
N GLU D 76 -10.41 -6.97 15.48
CA GLU D 76 -9.76 -6.16 16.51
C GLU D 76 -8.25 -6.43 16.52
N LYS D 77 -7.88 -7.69 16.80
CA LYS D 77 -6.47 -8.08 16.84
C LYS D 77 -5.82 -7.76 15.50
N ALA D 78 -4.52 -7.47 15.53
CA ALA D 78 -3.81 -7.12 14.30
C ALA D 78 -2.61 -8.04 14.12
N ILE D 79 -2.24 -8.28 12.87
CA ILE D 79 -1.10 -9.16 12.56
C ILE D 79 0.00 -8.38 11.81
N PHE D 80 1.25 -8.59 12.22
CA PHE D 80 2.38 -7.90 11.61
C PHE D 80 3.34 -8.86 10.95
N ILE D 81 4.08 -8.35 9.97
CA ILE D 81 5.06 -9.17 9.25
C ILE D 81 6.47 -8.64 9.44
N PHE D 82 7.38 -9.56 9.69
CA PHE D 82 8.76 -9.20 9.94
C PHE D 82 9.82 -9.77 9.01
N VAL D 83 10.78 -8.92 8.68
CA VAL D 83 11.91 -9.29 7.84
C VAL D 83 13.07 -8.85 8.69
N ASN D 84 13.74 -9.84 9.29
CA ASN D 84 14.88 -9.62 10.16
C ASN D 84 14.60 -8.47 11.12
N ASP D 85 13.57 -8.60 11.97
CA ASP D 85 13.26 -7.56 12.96
C ASP D 85 12.74 -6.21 12.44
N THR D 86 12.75 -6.03 11.13
CA THR D 86 12.27 -4.78 10.57
C THR D 86 10.87 -4.97 10.07
N LEU D 87 10.04 -3.97 10.31
CA LEU D 87 8.64 -3.95 9.91
C LEU D 87 8.60 -3.23 8.56
N PRO D 88 8.60 -3.99 7.44
CA PRO D 88 8.56 -3.35 6.14
C PRO D 88 7.24 -2.60 5.89
N PRO D 89 7.25 -1.65 4.94
CA PRO D 89 6.03 -0.92 4.64
C PRO D 89 5.12 -1.80 3.77
N THR D 90 3.82 -1.74 4.04
CA THR D 90 2.86 -2.53 3.30
C THR D 90 3.00 -2.51 1.78
N ALA D 91 3.62 -1.47 1.23
CA ALA D 91 3.77 -1.36 -0.22
C ALA D 91 5.08 -1.98 -0.75
N ALA D 92 5.91 -2.50 0.15
CA ALA D 92 7.17 -3.10 -0.26
C ALA D 92 6.92 -4.33 -1.13
N LEU D 93 7.64 -4.47 -2.24
CA LEU D 93 7.45 -5.64 -3.12
C LEU D 93 8.36 -6.80 -2.68
N MET D 94 7.79 -8.01 -2.65
CA MET D 94 8.54 -9.21 -2.24
C MET D 94 9.85 -9.33 -2.98
N SER D 95 9.81 -8.93 -4.23
CA SER D 95 10.98 -8.94 -5.06
C SER D 95 12.08 -8.11 -4.37
N ALA D 96 11.85 -6.82 -4.24
CA ALA D 96 12.85 -5.94 -3.63
C ALA D 96 13.33 -6.44 -2.27
N ILE D 97 12.44 -7.10 -1.54
CA ILE D 97 12.79 -7.59 -0.23
C ILE D 97 13.67 -8.82 -0.35
N TYR D 98 13.45 -9.58 -1.41
CA TYR D 98 14.26 -10.78 -1.64
C TYR D 98 15.70 -10.37 -1.87
N GLN D 99 15.91 -9.46 -2.82
CA GLN D 99 17.24 -8.96 -3.14
C GLN D 99 17.92 -8.45 -1.87
N GLU D 100 17.29 -7.48 -1.22
CA GLU D 100 17.85 -6.90 -0.01
C GLU D 100 17.97 -7.81 1.20
N HIS D 101 17.19 -8.88 1.26
CA HIS D 101 17.21 -9.69 2.47
C HIS D 101 17.24 -11.20 2.42
N LYS D 102 17.31 -11.80 1.23
CA LYS D 102 17.30 -13.25 1.17
C LYS D 102 18.42 -13.86 2.01
N ASP D 103 18.18 -15.10 2.43
CA ASP D 103 19.12 -15.87 3.23
C ASP D 103 20.14 -16.48 2.29
N LYS D 104 21.25 -16.97 2.83
CA LYS D 104 22.25 -17.58 1.97
C LYS D 104 21.74 -18.91 1.45
N ASP D 105 20.78 -19.49 2.16
CA ASP D 105 20.20 -20.76 1.75
C ASP D 105 19.20 -20.55 0.64
N GLY D 106 19.19 -19.34 0.09
CA GLY D 106 18.29 -19.04 -1.03
C GLY D 106 16.84 -18.69 -0.76
N PHE D 107 16.40 -18.75 0.50
CA PHE D 107 15.01 -18.44 0.84
C PHE D 107 14.88 -17.06 1.44
N LEU D 108 13.64 -16.63 1.65
CA LEU D 108 13.37 -15.35 2.28
C LEU D 108 12.59 -15.67 3.54
N TYR D 109 13.25 -15.54 4.69
CA TYR D 109 12.58 -15.84 5.95
C TYR D 109 11.76 -14.68 6.46
N VAL D 110 10.55 -14.98 6.92
CA VAL D 110 9.68 -13.95 7.44
C VAL D 110 8.94 -14.46 8.66
N THR D 111 8.59 -13.56 9.56
CA THR D 111 7.88 -13.96 10.76
C THR D 111 6.65 -13.09 10.97
N TYR D 112 5.59 -13.70 11.48
CA TYR D 112 4.37 -12.96 11.74
C TYR D 112 4.09 -13.01 13.23
N SER D 113 3.53 -11.93 13.76
CA SER D 113 3.22 -11.82 15.18
C SER D 113 2.17 -10.73 15.39
N GLY D 114 1.90 -10.35 16.64
CA GLY D 114 0.89 -9.32 16.86
C GLY D 114 1.07 -8.31 17.99
N GLU D 115 2.26 -8.23 18.58
CA GLU D 115 2.49 -7.28 19.68
C GLU D 115 3.96 -7.19 20.09
N TRP E 1 -0.14 -1.52 13.64
CA TRP E 1 0.63 -0.31 13.23
C TRP E 1 0.99 -0.34 11.76
N GLU E 2 1.23 0.82 11.20
CA GLU E 2 1.66 0.90 9.82
C GLU E 2 3.00 1.61 9.76
N GLU E 3 3.97 0.93 9.18
CA GLU E 3 5.29 1.50 9.03
C GLU E 3 5.26 2.36 7.78
N LEU E 4 5.44 3.67 7.93
CA LEU E 4 5.46 4.55 6.78
C LEU E 4 6.93 4.75 6.42
N TRP F 1 0.67 0.19 -14.88
CA TRP F 1 0.33 1.58 -14.49
C TRP F 1 -0.18 1.64 -13.07
N GLU F 2 0.54 2.31 -12.20
CA GLU F 2 0.08 2.44 -10.83
C GLU F 2 -0.32 3.88 -10.57
N GLU F 3 -1.50 4.05 -9.98
CA GLU F 3 -2.01 5.36 -9.68
C GLU F 3 -1.41 5.87 -8.38
N LEU F 4 -0.70 6.98 -8.45
CA LEU F 4 -0.13 7.58 -7.24
C LEU F 4 -1.06 8.67 -6.73
N TRP G 1 -22.62 -14.40 -0.70
CA TRP G 1 -21.48 -13.48 -0.90
C TRP G 1 -20.20 -14.14 -0.43
N GLU G 2 -19.08 -13.79 -1.04
CA GLU G 2 -17.83 -14.33 -0.57
C GLU G 2 -17.44 -13.26 0.43
N GLU G 3 -16.72 -13.66 1.47
CA GLU G 3 -16.28 -12.74 2.50
C GLU G 3 -14.78 -12.55 2.36
N LEU G 4 -14.34 -11.30 2.48
CA LEU G 4 -12.93 -11.00 2.35
C LEU G 4 -12.29 -10.55 3.65
N TRP H 1 4.03 -26.26 -0.36
CA TRP H 1 4.18 -25.05 -1.19
C TRP H 1 2.85 -24.47 -1.64
N GLU H 2 2.56 -23.27 -1.17
CA GLU H 2 1.32 -22.60 -1.54
C GLU H 2 1.62 -21.48 -2.54
N GLU H 3 1.00 -21.55 -3.71
CA GLU H 3 1.20 -20.54 -4.72
C GLU H 3 0.32 -19.33 -4.42
N LEU H 4 0.93 -18.22 -4.03
CA LEU H 4 0.18 -17.02 -3.73
C LEU H 4 0.09 -16.14 -4.97
#